data_3QW0
#
_entry.id   3QW0
#
_cell.length_a   63.626
_cell.length_b   76.399
_cell.length_c   93.265
_cell.angle_alpha   90.000
_cell.angle_beta   90.000
_cell.angle_gamma   90.000
#
_symmetry.space_group_name_H-M   'P 21 21 21'
#
loop_
_entity.id
_entity.type
_entity.pdbx_description
1 polymer 'Cytochrome cb562'
2 non-polymer 'PROTOPORPHYRIN IX CONTAINING FE'
3 non-polymer "1,1'-butane-1,4-diylbis(1H-pyrrole-2,5-dione)"
4 non-polymer 'ZINC ION'
5 non-polymer 2-[BIS-(2-HYDROXY-ETHYL)-AMINO]-2-HYDROXYMETHYL-PROPANE-1,3-DIOL
6 water water
#
_entity_poly.entity_id   1
_entity_poly.type   'polypeptide(L)'
_entity_poly.pdbx_seq_one_letter_code
;ADLEDNMETLNDNLKVIEKADNAAQVKDALTKMAAAAADAWSATPPKLEDKSPDSPEMHDFRHGFWILIGQIHDALHLAN
ECKVKEAQAAAEQLKTTCNACHQKYR
;
_entity_poly.pdbx_strand_id   A,B,C,D
#
loop_
_chem_comp.id
_chem_comp.type
_chem_comp.name
_chem_comp.formula
BTB non-polymer 2-[BIS-(2-HYDROXY-ETHYL)-AMINO]-2-HYDROXYMETHYL-PROPANE-1,3-DIOL 'C8 H19 N O5'
HEM non-polymer 'PROTOPORPHYRIN IX CONTAINING FE' 'C34 H32 Fe N4 O4'
ME9 non-polymer 1,1'-butane-1,4-diylbis(1H-pyrrole-2,5-dione) 'C12 H12 N2 O4'
ZN non-polymer 'ZINC ION' 'Zn 2'
#
# COMPACT_ATOMS: atom_id res chain seq x y z
N ALA A 1 1.31 15.49 19.95
CA ALA A 1 2.66 16.14 20.11
C ALA A 1 2.91 17.09 18.94
N ASP A 2 3.82 18.04 19.04
CA ASP A 2 4.05 18.88 17.86
C ASP A 2 5.01 18.24 16.88
N LEU A 3 5.17 18.89 15.73
CA LEU A 3 5.83 18.30 14.61
C LEU A 3 7.29 18.06 14.91
N GLU A 4 7.95 19.01 15.63
CA GLU A 4 9.33 18.83 15.99
C GLU A 4 9.52 17.66 16.89
N ASP A 5 8.64 17.52 17.87
CA ASP A 5 8.69 16.37 18.76
C ASP A 5 8.45 15.02 18.06
N ASN A 6 7.51 14.98 17.12
CA ASN A 6 7.33 13.80 16.29
C ASN A 6 8.52 13.48 15.44
N MET A 7 9.17 14.50 14.89
CA MET A 7 10.40 14.33 14.16
C MET A 7 11.54 13.76 15.04
N GLU A 8 11.68 14.26 16.27
CA GLU A 8 12.65 13.70 17.18
C GLU A 8 12.34 12.23 17.44
N THR A 9 11.08 11.92 17.68
CA THR A 9 10.73 10.51 17.91
C THR A 9 11.07 9.70 16.69
N LEU A 10 10.73 10.18 15.50
CA LEU A 10 11.08 9.37 14.30
C LEU A 10 12.58 9.15 14.21
N ASN A 11 13.35 10.17 14.47
CA ASN A 11 14.78 10.10 14.28
C ASN A 11 15.41 9.18 15.34
N ASP A 12 15.03 9.42 16.57
CA ASP A 12 15.57 8.62 17.71
C ASP A 12 15.34 7.12 17.49
N ASN A 13 14.18 6.77 16.94
CA ASN A 13 13.87 5.38 16.79
C ASN A 13 14.45 4.76 15.55
N LEU A 14 14.67 5.59 14.52
CA LEU A 14 15.42 5.14 13.38
C LEU A 14 16.83 4.76 13.84
N LYS A 15 17.46 5.57 14.71
CA LYS A 15 18.78 5.23 15.24
C LYS A 15 18.76 3.92 16.10
N VAL A 16 17.70 3.70 16.88
CA VAL A 16 17.54 2.46 17.67
C VAL A 16 17.55 1.24 16.75
N ILE A 17 16.79 1.34 15.66
CA ILE A 17 16.70 0.30 14.60
C ILE A 17 18.05 0.01 13.97
N GLU A 18 18.76 1.07 13.62
CA GLU A 18 20.11 0.90 13.04
C GLU A 18 21.09 0.16 13.94
N LYS A 19 20.99 0.41 15.23
CA LYS A 19 21.88 -0.12 16.25
C LYS A 19 21.47 -1.50 16.79
N ALA A 20 20.26 -1.92 16.48
CA ALA A 20 19.60 -3.03 17.16
C ALA A 20 20.23 -4.31 16.72
N ASP A 21 20.29 -5.31 17.61
CA ASP A 21 20.79 -6.62 17.15
C ASP A 21 19.73 -7.72 17.24
N ASN A 22 18.47 -7.29 17.32
CA ASN A 22 17.35 -8.24 17.57
C ASN A 22 16.00 -7.67 17.16
N ALA A 23 15.09 -8.59 16.88
CA ALA A 23 13.78 -8.21 16.30
C ALA A 23 12.89 -7.48 17.26
N ALA A 24 12.97 -7.84 18.54
CA ALA A 24 12.09 -7.22 19.53
C ALA A 24 12.32 -5.73 19.59
N GLN A 25 13.60 -5.36 19.60
CA GLN A 25 13.95 -3.92 19.69
C GLN A 25 13.51 -3.17 18.38
N VAL A 26 13.66 -3.83 17.24
CA VAL A 26 13.24 -3.20 15.96
C VAL A 26 11.74 -3.04 15.89
N LYS A 27 11.00 -4.04 16.28
CA LYS A 27 9.55 -3.92 16.39
C LYS A 27 9.10 -2.76 17.21
N ASP A 28 9.64 -2.67 18.40
CA ASP A 28 9.18 -1.63 19.33
C ASP A 28 9.48 -0.24 18.75
N ALA A 29 10.65 -0.08 18.17
CA ALA A 29 11.01 1.21 17.55
C ALA A 29 10.11 1.55 16.35
N LEU A 30 9.75 0.56 15.54
CA LEU A 30 8.86 0.76 14.39
C LEU A 30 7.45 1.13 14.83
N THR A 31 6.98 0.44 15.85
CA THR A 31 5.75 0.86 16.49
C THR A 31 5.71 2.33 16.93
N LYS A 32 6.74 2.77 17.65
CA LYS A 32 6.77 4.21 18.03
C LYS A 32 6.91 5.12 16.85
N MET A 33 7.62 4.71 15.79
CA MET A 33 7.61 5.57 14.60
C MET A 33 6.24 5.73 13.96
N ALA A 34 5.49 4.62 13.92
CA ALA A 34 4.12 4.61 13.35
C ALA A 34 3.26 5.63 14.05
N ALA A 35 3.41 5.69 15.37
CA ALA A 35 2.56 6.56 16.17
C ALA A 35 2.99 7.98 15.92
N ALA A 36 4.30 8.24 15.90
CA ALA A 36 4.76 9.58 15.58
C ALA A 36 4.34 10.03 14.19
N ALA A 37 4.42 9.13 13.21
CA ALA A 37 4.05 9.53 11.84
C ALA A 37 2.56 9.79 11.72
N ALA A 38 1.74 8.93 12.30
CA ALA A 38 0.29 9.27 12.30
C ALA A 38 -0.05 10.58 13.04
N ASP A 39 0.61 10.84 14.16
CA ASP A 39 0.42 12.13 14.91
C ASP A 39 0.89 13.35 14.14
N ALA A 40 1.82 13.19 13.21
CA ALA A 40 2.27 14.36 12.46
C ALA A 40 1.35 14.74 11.30
N TRP A 41 0.28 13.95 11.11
CA TRP A 41 -0.49 13.95 9.88
C TRP A 41 -0.97 15.33 9.59
N SER A 42 -1.49 15.95 10.65
CA SER A 42 -2.31 17.18 10.55
C SER A 42 -1.48 18.42 10.85
N ALA A 43 -0.15 18.27 11.02
CA ALA A 43 0.75 19.40 11.31
C ALA A 43 0.91 20.32 10.11
N THR A 44 1.09 21.61 10.37
CA THR A 44 1.43 22.51 9.29
C THR A 44 2.84 22.96 9.52
N PRO A 45 3.74 22.71 8.57
CA PRO A 45 5.13 23.10 8.79
C PRO A 45 5.33 24.61 8.52
N PRO A 46 6.35 25.22 9.19
CA PRO A 46 6.55 26.67 9.09
C PRO A 46 6.56 27.14 7.66
N LYS A 47 7.24 26.40 6.78
CA LYS A 47 7.34 26.89 5.41
C LYS A 47 6.00 26.91 4.65
N LEU A 48 4.97 26.30 5.22
CA LEU A 48 3.67 26.26 4.56
C LEU A 48 2.61 27.01 5.37
N GLU A 49 3.07 27.79 6.35
CA GLU A 49 2.13 28.44 7.24
C GLU A 49 1.36 29.49 6.48
N ASP A 50 1.83 29.90 5.30
CA ASP A 50 1.10 30.92 4.50
C ASP A 50 0.15 30.31 3.49
N LYS A 51 0.05 28.96 3.51
CA LYS A 51 -0.71 28.24 2.47
C LYS A 51 -2.09 27.83 2.95
N SER A 52 -3.03 27.63 2.03
CA SER A 52 -4.33 27.08 2.42
C SER A 52 -4.23 25.61 2.96
N PRO A 53 -5.03 25.20 3.97
CA PRO A 53 -5.02 23.76 4.32
C PRO A 53 -5.31 22.81 3.14
N ASP A 54 -6.10 23.25 2.15
CA ASP A 54 -6.44 22.48 0.90
C ASP A 54 -5.50 22.79 -0.25
N SER A 55 -4.38 23.47 -0.02
CA SER A 55 -3.47 23.75 -1.13
C SER A 55 -2.79 22.49 -1.69
N PRO A 56 -2.28 22.56 -2.93
CA PRO A 56 -1.54 21.45 -3.50
C PRO A 56 -0.30 21.15 -2.64
N GLU A 57 0.32 22.21 -2.09
CA GLU A 57 1.45 22.05 -1.17
C GLU A 57 1.11 21.19 0.06
N MET A 58 0.03 21.55 0.75
CA MET A 58 -0.44 20.83 1.92
C MET A 58 -0.92 19.37 1.59
N HIS A 59 -1.62 19.20 0.48
CA HIS A 59 -1.95 17.82 0.04
C HIS A 59 -0.65 17.02 -0.20
N ASP A 60 0.37 17.62 -0.80
CA ASP A 60 1.63 16.91 -1.07
C ASP A 60 2.41 16.61 0.19
N PHE A 61 2.36 17.58 1.12
CA PHE A 61 2.95 17.39 2.44
C PHE A 61 2.31 16.17 3.16
N ARG A 62 0.98 16.13 3.19
CA ARG A 62 0.33 15.03 3.85
C ARG A 62 0.61 13.76 3.06
N HIS A 63 0.69 13.84 1.73
CA HIS A 63 0.91 12.57 0.93
C HIS A 63 2.24 11.89 1.38
N GLY A 64 3.26 12.71 1.71
CA GLY A 64 4.61 12.25 2.23
C GLY A 64 4.39 11.45 3.51
N PHE A 65 3.43 11.84 4.36
CA PHE A 65 3.16 11.03 5.54
C PHE A 65 2.51 9.70 5.19
N TRP A 66 1.60 9.72 4.22
CA TRP A 66 1.00 8.46 3.78
C TRP A 66 2.09 7.46 3.34
N ILE A 67 3.00 7.93 2.47
CA ILE A 67 4.12 7.11 2.03
C ILE A 67 4.90 6.56 3.23
N LEU A 68 5.21 7.44 4.19
CA LEU A 68 6.05 7.02 5.37
C LEU A 68 5.30 5.99 6.23
N ILE A 69 4.01 6.23 6.44
CA ILE A 69 3.22 5.34 7.21
C ILE A 69 3.19 3.97 6.56
N GLY A 70 2.98 3.94 5.25
CA GLY A 70 2.98 2.59 4.62
C GLY A 70 4.32 1.88 4.63
N GLN A 71 5.43 2.61 4.60
CA GLN A 71 6.76 1.99 4.67
C GLN A 71 7.04 1.42 6.08
N ILE A 72 6.62 2.17 7.12
CA ILE A 72 6.72 1.68 8.49
C ILE A 72 5.88 0.39 8.70
N HIS A 73 4.62 0.38 8.19
CA HIS A 73 3.70 -0.79 8.21
C HIS A 73 4.41 -1.99 7.62
N ASP A 74 4.97 -1.86 6.42
CA ASP A 74 5.60 -3.09 5.85
C ASP A 74 6.84 -3.53 6.63
N ALA A 75 7.65 -2.58 7.09
CA ALA A 75 8.88 -2.91 7.79
C ALA A 75 8.55 -3.63 9.08
N LEU A 76 7.47 -3.21 9.74
CA LEU A 76 7.02 -3.84 10.96
C LEU A 76 6.66 -5.33 10.75
N HIS A 77 6.00 -5.66 9.64
CA HIS A 77 5.70 -7.08 9.34
C HIS A 77 7.02 -7.87 9.18
N LEU A 78 8.03 -7.23 8.60
CA LEU A 78 9.30 -7.89 8.38
C LEU A 78 9.90 -8.19 9.76
N ALA A 79 9.78 -7.21 10.67
CA ALA A 79 10.29 -7.33 11.98
C ALA A 79 9.53 -8.38 12.77
N ASN A 80 8.20 -8.40 12.63
CA ASN A 80 7.37 -9.45 13.26
C ASN A 80 7.73 -10.83 12.78
N GLU A 81 8.26 -10.94 11.56
CA GLU A 81 8.68 -12.23 10.99
C GLU A 81 10.12 -12.60 11.44
N CYS A 82 10.69 -11.80 12.34
CA CYS A 82 12.10 -11.88 12.69
C CYS A 82 13.05 -11.79 11.50
N LYS A 83 12.69 -10.97 10.51
CA LYS A 83 13.62 -10.71 9.43
C LYS A 83 14.37 -9.46 9.80
N VAL A 84 15.33 -9.64 10.71
CA VAL A 84 15.96 -8.45 11.39
C VAL A 84 16.69 -7.58 10.34
N LYS A 85 17.61 -8.19 9.59
CA LYS A 85 18.30 -7.44 8.56
C LYS A 85 17.39 -6.80 7.50
N GLU A 86 16.35 -7.52 7.08
CA GLU A 86 15.46 -7.05 6.01
C GLU A 86 14.64 -5.84 6.58
N ALA A 87 14.28 -5.90 7.87
CA ALA A 87 13.54 -4.77 8.51
C ALA A 87 14.44 -3.54 8.64
N GLN A 88 15.70 -3.79 8.90
CA GLN A 88 16.67 -2.69 9.05
C GLN A 88 16.88 -2.04 7.74
N ALA A 89 16.90 -2.84 6.72
CA ALA A 89 17.14 -2.30 5.37
C ALA A 89 15.96 -1.50 4.93
N ALA A 90 14.75 -2.01 5.21
CA ALA A 90 13.51 -1.26 4.93
C ALA A 90 13.57 0.09 5.65
N ALA A 91 14.04 0.10 6.90
CA ALA A 91 14.07 1.37 7.67
C ALA A 91 15.09 2.29 7.04
N GLU A 92 16.21 1.72 6.63
CA GLU A 92 17.17 2.51 5.86
C GLU A 92 16.61 3.11 4.62
N GLN A 93 15.88 2.31 3.85
CA GLN A 93 15.23 2.74 2.61
C GLN A 93 14.26 3.89 2.80
N LEU A 94 13.46 3.84 3.86
CA LEU A 94 12.45 4.93 4.02
C LEU A 94 13.05 6.28 4.38
N LYS A 95 14.34 6.34 4.71
CA LYS A 95 15.02 7.64 4.82
C LYS A 95 14.90 8.50 3.57
N THR A 96 14.80 7.84 2.41
CA THR A 96 14.53 8.61 1.17
CA THR A 96 14.51 8.56 1.15
C THR A 96 13.26 9.42 1.26
N THR A 97 12.25 8.88 1.92
CA THR A 97 10.97 9.55 2.13
C THR A 97 11.21 10.73 3.09
N CYS A 98 11.91 10.52 4.21
CA CYS A 98 12.24 11.64 5.13
C CYS A 98 12.96 12.71 4.38
N ASN A 99 13.96 12.30 3.59
CA ASN A 99 14.82 13.28 2.92
C ASN A 99 14.01 14.10 1.93
N ALA A 100 13.08 13.42 1.22
CA ALA A 100 12.32 14.13 0.19
C ALA A 100 11.42 15.19 0.75
N CYS A 101 10.72 14.87 1.83
CA CYS A 101 9.87 15.87 2.42
C CYS A 101 10.70 17.07 2.90
N HIS A 102 11.82 16.76 3.58
CA HIS A 102 12.68 17.80 4.15
C HIS A 102 13.15 18.75 3.10
N GLN A 103 13.62 18.25 1.99
CA GLN A 103 14.18 19.11 0.98
C GLN A 103 13.13 20.03 0.36
N LYS A 104 11.89 19.62 0.33
CA LYS A 104 10.81 20.45 -0.23
C LYS A 104 10.20 21.35 0.78
N TYR A 105 10.16 20.94 2.04
CA TYR A 105 9.23 21.55 3.01
C TYR A 105 9.88 22.01 4.31
N ARG A 106 11.16 21.66 4.54
CA ARG A 106 11.78 22.14 5.77
C ARG A 106 12.68 23.32 5.49
N ALA B 1 7.73 -11.93 -21.55
CA ALA B 1 9.09 -11.40 -21.77
C ALA B 1 9.97 -12.03 -20.68
N ASP B 2 11.26 -12.28 -20.98
CA ASP B 2 12.20 -12.82 -19.94
C ASP B 2 12.58 -11.75 -18.90
N LEU B 3 13.22 -12.19 -17.83
CA LEU B 3 13.52 -11.32 -16.70
C LEU B 3 14.38 -10.15 -17.17
N GLU B 4 15.39 -10.46 -17.94
CA GLU B 4 16.30 -9.43 -18.42
C GLU B 4 15.56 -8.37 -19.25
N ASP B 5 14.69 -8.81 -20.13
CA ASP B 5 13.89 -7.82 -20.89
C ASP B 5 12.96 -6.96 -20.00
N ASN B 6 12.30 -7.58 -19.01
CA ASN B 6 11.45 -6.75 -18.11
C ASN B 6 12.34 -5.73 -17.34
N MET B 7 13.54 -6.18 -16.99
CA MET B 7 14.44 -5.31 -16.28
C MET B 7 14.86 -4.19 -17.18
N GLU B 8 15.19 -4.48 -18.44
CA GLU B 8 15.51 -3.40 -19.37
C GLU B 8 14.31 -2.46 -19.53
N THR B 9 13.08 -3.01 -19.49
CA THR B 9 11.91 -2.12 -19.68
C THR B 9 11.79 -1.22 -18.46
N LEU B 10 12.09 -1.77 -17.30
CA LEU B 10 12.02 -0.93 -16.09
C LEU B 10 13.06 0.21 -16.13
N ASN B 11 14.28 -0.16 -16.50
CA ASN B 11 15.40 0.82 -16.61
C ASN B 11 15.10 1.91 -17.66
N ASP B 12 14.71 1.48 -18.85
CA ASP B 12 14.35 2.45 -19.90
C ASP B 12 13.28 3.45 -19.49
N ASN B 13 12.22 2.96 -18.89
CA ASN B 13 11.14 3.84 -18.56
C ASN B 13 11.42 4.74 -17.37
N LEU B 14 12.25 4.33 -16.42
CA LEU B 14 12.65 5.24 -15.34
C LEU B 14 13.40 6.44 -15.90
N LYS B 15 14.21 6.19 -16.91
CA LYS B 15 14.97 7.26 -17.54
C LYS B 15 14.05 8.18 -18.35
N VAL B 16 13.07 7.61 -19.03
CA VAL B 16 12.05 8.41 -19.75
C VAL B 16 11.35 9.34 -18.80
N ILE B 17 10.96 8.78 -17.66
CA ILE B 17 10.30 9.61 -16.64
C ILE B 17 11.21 10.74 -16.15
N GLU B 18 12.49 10.45 -15.95
CA GLU B 18 13.42 11.44 -15.42
C GLU B 18 13.49 12.69 -16.35
N LYS B 19 13.42 12.42 -17.63
CA LYS B 19 13.63 13.38 -18.71
C LYS B 19 12.31 13.87 -19.28
N ALA B 20 11.18 13.38 -18.77
CA ALA B 20 9.88 13.72 -19.33
C ALA B 20 9.56 15.22 -19.27
N ASP B 21 8.77 15.71 -20.24
CA ASP B 21 8.33 17.11 -20.39
C ASP B 21 6.87 17.28 -19.92
N ASN B 22 6.11 16.19 -19.82
CA ASN B 22 4.67 16.27 -19.60
C ASN B 22 4.10 15.02 -18.92
N ALA B 23 2.86 15.13 -18.46
CA ALA B 23 2.27 13.98 -17.73
C ALA B 23 2.06 12.74 -18.60
N ALA B 24 1.56 12.92 -19.80
CA ALA B 24 1.32 11.81 -20.73
C ALA B 24 2.55 10.91 -20.86
N GLN B 25 3.76 11.50 -20.96
CA GLN B 25 4.99 10.71 -21.12
C GLN B 25 5.27 9.89 -19.83
N VAL B 26 5.09 10.55 -18.69
CA VAL B 26 5.27 9.88 -17.43
C VAL B 26 4.23 8.76 -17.23
N LYS B 27 2.94 9.02 -17.42
CA LYS B 27 1.92 7.96 -17.40
C LYS B 27 2.25 6.77 -18.31
N ASP B 28 2.61 7.07 -19.56
CA ASP B 28 2.87 5.99 -20.50
CA ASP B 28 2.89 6.00 -20.51
C ASP B 28 3.99 5.13 -19.95
N ALA B 29 5.00 5.77 -19.36
CA ALA B 29 6.17 5.03 -18.90
C ALA B 29 5.84 4.18 -17.71
N LEU B 30 5.05 4.73 -16.80
CA LEU B 30 4.74 4.04 -15.55
C LEU B 30 3.84 2.85 -15.87
N THR B 31 2.97 3.02 -16.86
CA THR B 31 2.15 1.94 -17.37
C THR B 31 2.98 0.75 -17.90
N LYS B 32 3.92 1.05 -18.79
CA LYS B 32 4.86 0.03 -19.23
C LYS B 32 5.66 -0.56 -18.07
N MET B 33 6.05 0.27 -17.10
CA MET B 33 6.75 -0.31 -15.93
C MET B 33 5.89 -1.28 -15.16
N ALA B 34 4.60 -0.94 -14.96
CA ALA B 34 3.72 -1.83 -14.20
C ALA B 34 3.64 -3.20 -14.87
N ALA B 35 3.47 -3.17 -16.17
CA ALA B 35 3.28 -4.39 -16.97
C ALA B 35 4.52 -5.24 -16.86
N ALA B 36 5.69 -4.60 -16.87
CA ALA B 36 6.99 -5.33 -16.79
C ALA B 36 7.17 -5.97 -15.43
N ALA B 37 6.79 -5.23 -14.37
CA ALA B 37 6.96 -5.72 -13.02
C ALA B 37 6.01 -6.93 -12.80
N ALA B 38 4.81 -6.82 -13.30
CA ALA B 38 3.84 -7.90 -13.15
C ALA B 38 4.27 -9.18 -13.90
N ASP B 39 4.74 -9.03 -15.14
CA ASP B 39 5.33 -10.15 -15.93
C ASP B 39 6.57 -10.77 -15.29
N ALA B 40 7.35 -9.98 -14.55
CA ALA B 40 8.52 -10.53 -13.90
C ALA B 40 8.19 -11.37 -12.70
N TRP B 41 6.91 -11.33 -12.25
CA TRP B 41 6.54 -11.89 -10.99
C TRP B 41 7.08 -13.29 -10.79
N SER B 42 6.94 -14.12 -11.82
CA SER B 42 7.10 -15.55 -11.81
C SER B 42 8.53 -16.07 -12.15
N ALA B 43 9.41 -15.15 -12.56
CA ALA B 43 10.75 -15.48 -12.99
C ALA B 43 11.67 -15.93 -11.84
N THR B 44 12.57 -16.85 -12.17
CA THR B 44 13.62 -17.33 -11.24
C THR B 44 14.91 -16.70 -11.64
N PRO B 45 15.47 -15.86 -10.77
CA PRO B 45 16.69 -15.15 -11.05
C PRO B 45 17.84 -16.14 -11.05
N PRO B 46 18.88 -15.91 -11.86
CA PRO B 46 20.04 -16.85 -11.87
C PRO B 46 20.57 -17.27 -10.45
N LYS B 47 20.75 -16.32 -9.57
CA LYS B 47 21.34 -16.61 -8.26
C LYS B 47 20.51 -17.58 -7.42
N LEU B 48 19.23 -17.75 -7.79
CA LEU B 48 18.39 -18.67 -7.05
C LEU B 48 17.97 -19.89 -7.86
N GLU B 49 18.71 -20.22 -8.92
CA GLU B 49 18.36 -21.35 -9.78
C GLU B 49 18.11 -22.67 -9.05
N ASP B 50 18.90 -22.89 -8.02
CA ASP B 50 18.93 -24.16 -7.33
C ASP B 50 17.91 -24.17 -6.18
N LYS B 51 17.11 -23.10 -6.09
CA LYS B 51 16.06 -23.02 -5.09
C LYS B 51 14.67 -23.21 -5.73
N SER B 52 13.80 -23.93 -5.04
CA SER B 52 12.45 -24.19 -5.54
C SER B 52 11.61 -22.93 -5.50
N PRO B 53 10.40 -23.01 -6.05
CA PRO B 53 9.48 -21.87 -6.09
C PRO B 53 8.95 -21.52 -4.70
N ASP B 54 8.60 -22.54 -3.93
CA ASP B 54 8.07 -22.33 -2.58
C ASP B 54 9.21 -22.09 -1.59
N SER B 55 10.44 -22.00 -2.09
CA SER B 55 11.60 -21.77 -1.25
C SER B 55 11.51 -20.43 -0.55
N PRO B 56 12.09 -20.36 0.65
CA PRO B 56 12.08 -19.11 1.43
C PRO B 56 12.72 -17.95 0.67
N GLU B 57 13.82 -18.24 -0.02
CA GLU B 57 14.53 -17.22 -0.79
C GLU B 57 13.63 -16.62 -1.87
N MET B 58 12.92 -17.50 -2.58
CA MET B 58 12.03 -17.06 -3.63
C MET B 58 10.89 -16.24 -3.07
N HIS B 59 10.41 -16.59 -1.88
CA HIS B 59 9.38 -15.72 -1.31
C HIS B 59 9.97 -14.30 -1.09
N ASP B 60 11.19 -14.22 -0.58
CA ASP B 60 11.73 -12.95 -0.21
C ASP B 60 12.13 -12.21 -1.47
N PHE B 61 12.53 -12.95 -2.50
CA PHE B 61 12.76 -12.36 -3.81
C PHE B 61 11.48 -11.70 -4.38
N ARG B 62 10.40 -12.45 -4.39
CA ARG B 62 9.16 -11.92 -4.93
C ARG B 62 8.64 -10.71 -4.13
N HIS B 63 8.99 -10.63 -2.82
CA HIS B 63 8.48 -9.55 -1.95
C HIS B 63 8.92 -8.14 -2.50
N GLY B 64 10.16 -8.04 -3.02
CA GLY B 64 10.62 -6.82 -3.68
C GLY B 64 9.75 -6.42 -4.86
N PHE B 65 9.17 -7.39 -5.56
CA PHE B 65 8.22 -6.98 -6.61
C PHE B 65 6.92 -6.47 -6.06
N TRP B 66 6.36 -7.01 -4.97
CA TRP B 66 5.18 -6.40 -4.43
C TRP B 66 5.47 -4.93 -4.08
N ILE B 67 6.62 -4.67 -3.48
CA ILE B 67 6.98 -3.28 -3.09
C ILE B 67 7.04 -2.45 -4.38
N LEU B 68 7.81 -2.93 -5.36
CA LEU B 68 7.91 -2.16 -6.64
C LEU B 68 6.53 -1.88 -7.24
N ILE B 69 5.70 -2.91 -7.36
CA ILE B 69 4.35 -2.77 -7.97
C ILE B 69 3.56 -1.72 -7.25
N GLY B 70 3.64 -1.73 -5.93
CA GLY B 70 2.89 -0.73 -5.14
C GLY B 70 3.40 0.69 -5.38
N GLN B 71 4.70 0.88 -5.52
CA GLN B 71 5.26 2.22 -5.72
C GLN B 71 4.90 2.71 -7.13
N ILE B 72 4.90 1.79 -8.07
CA ILE B 72 4.44 2.10 -9.46
C ILE B 72 2.99 2.50 -9.50
N HIS B 73 2.12 1.71 -8.83
CA HIS B 73 0.70 2.02 -8.75
C HIS B 73 0.54 3.49 -8.24
N ASP B 74 1.16 3.81 -7.11
CA ASP B 74 0.88 5.19 -6.51
C ASP B 74 1.51 6.31 -7.39
N ALA B 75 2.65 6.03 -8.01
CA ALA B 75 3.29 7.07 -8.90
C ALA B 75 2.38 7.41 -10.10
N LEU B 76 1.75 6.36 -10.65
CA LEU B 76 0.75 6.53 -11.73
C LEU B 76 -0.43 7.39 -11.29
N HIS B 77 -0.93 7.26 -10.04
CA HIS B 77 -1.89 8.28 -9.57
C HIS B 77 -1.37 9.70 -9.66
N LEU B 78 -0.14 9.92 -9.22
CA LEU B 78 0.44 11.28 -9.22
C LEU B 78 0.53 11.74 -10.69
N ALA B 79 0.93 10.86 -11.59
CA ALA B 79 0.96 11.30 -12.98
C ALA B 79 -0.41 11.57 -13.56
N ASN B 80 -1.42 10.74 -13.22
CA ASN B 80 -2.83 10.95 -13.64
C ASN B 80 -3.42 12.34 -13.28
N GLU B 81 -3.01 12.83 -12.12
CA GLU B 81 -3.36 14.12 -11.58
C GLU B 81 -2.49 15.24 -12.14
N CYS B 82 -1.62 14.96 -13.12
CA CYS B 82 -0.68 16.00 -13.68
C CYS B 82 0.35 16.58 -12.73
N LYS B 83 0.65 15.79 -11.71
CA LYS B 83 1.64 16.23 -10.76
C LYS B 83 2.94 15.62 -11.20
N VAL B 84 3.52 16.27 -12.22
CA VAL B 84 4.66 15.72 -12.93
C VAL B 84 5.83 15.63 -12.02
N LYS B 85 6.14 16.71 -11.31
CA LYS B 85 7.36 16.71 -10.48
C LYS B 85 7.24 15.68 -9.37
N GLU B 86 6.07 15.59 -8.82
CA GLU B 86 5.78 14.66 -7.77
C GLU B 86 5.91 13.19 -8.26
N ALA B 87 5.43 12.92 -9.45
CA ALA B 87 5.49 11.55 -10.02
C ALA B 87 6.94 11.22 -10.37
N GLN B 88 7.68 12.24 -10.81
CA GLN B 88 9.09 12.05 -11.08
C GLN B 88 9.82 11.76 -9.76
N ALA B 89 9.40 12.41 -8.69
CA ALA B 89 10.06 12.13 -7.39
C ALA B 89 9.77 10.69 -6.89
N ALA B 90 8.50 10.27 -7.01
CA ALA B 90 8.10 8.92 -6.63
C ALA B 90 8.90 7.89 -7.42
N ALA B 91 9.18 8.18 -8.70
CA ALA B 91 9.98 7.31 -9.59
C ALA B 91 11.42 7.27 -9.15
N GLU B 92 11.95 8.43 -8.79
CA GLU B 92 13.32 8.47 -8.30
C GLU B 92 13.45 7.66 -7.01
N GLN B 93 12.44 7.75 -6.15
CA GLN B 93 12.51 7.15 -4.85
C GLN B 93 12.43 5.61 -4.95
N LEU B 94 11.69 5.09 -5.92
CA LEU B 94 11.52 3.63 -5.98
C LEU B 94 12.84 2.92 -6.45
N LYS B 95 13.84 3.68 -6.90
CA LYS B 95 15.22 3.19 -7.11
C LYS B 95 15.79 2.43 -5.93
N THR B 96 15.39 2.84 -4.73
CA THR B 96 15.82 2.10 -3.53
CA THR B 96 15.77 2.15 -3.52
C THR B 96 15.34 0.65 -3.54
N THR B 97 14.15 0.41 -4.09
CA THR B 97 13.65 -0.98 -4.20
C THR B 97 14.41 -1.75 -5.28
N CYS B 98 14.63 -1.11 -6.43
CA CYS B 98 15.50 -1.73 -7.46
C CYS B 98 16.84 -2.16 -6.87
N ASN B 99 17.52 -1.19 -6.24
CA ASN B 99 18.85 -1.41 -5.64
C ASN B 99 18.90 -2.52 -4.60
N ALA B 100 17.95 -2.52 -3.66
CA ALA B 100 17.88 -3.52 -2.58
C ALA B 100 17.82 -4.94 -3.13
N CYS B 101 17.03 -5.12 -4.18
CA CYS B 101 16.89 -6.47 -4.76
C CYS B 101 18.17 -6.86 -5.50
N HIS B 102 18.72 -5.92 -6.26
CA HIS B 102 19.97 -6.18 -6.94
C HIS B 102 21.11 -6.55 -5.97
N GLN B 103 21.24 -5.76 -4.90
CA GLN B 103 22.26 -5.94 -3.87
C GLN B 103 22.24 -7.36 -3.32
N LYS B 104 21.05 -7.90 -3.08
CA LYS B 104 20.88 -9.21 -2.45
C LYS B 104 20.75 -10.37 -3.46
N TYR B 105 20.18 -10.10 -4.63
CA TYR B 105 19.78 -11.20 -5.55
C TYR B 105 20.36 -11.15 -6.97
N ARG B 106 21.09 -10.10 -7.32
CA ARG B 106 21.72 -10.07 -8.64
C ARG B 106 23.19 -10.59 -8.60
N ALA C 1 -0.69 -18.19 -17.96
CA ALA C 1 -2.02 -18.88 -18.27
C ALA C 1 -3.11 -17.91 -18.70
N ASP C 2 -4.29 -18.39 -19.13
CA ASP C 2 -5.31 -17.46 -19.61
C ASP C 2 -6.11 -16.91 -18.38
N LEU C 3 -7.00 -15.96 -18.63
CA LEU C 3 -7.67 -15.25 -17.54
C LEU C 3 -8.59 -16.18 -16.78
N GLU C 4 -9.38 -16.98 -17.51
CA GLU C 4 -10.25 -17.95 -16.86
C GLU C 4 -9.52 -18.87 -15.88
N ASP C 5 -8.37 -19.38 -16.31
CA ASP C 5 -7.59 -20.32 -15.47
C ASP C 5 -6.98 -19.57 -14.26
N ASN C 6 -6.59 -18.32 -14.47
CA ASN C 6 -6.14 -17.52 -13.34
C ASN C 6 -7.24 -17.28 -12.30
N MET C 7 -8.45 -16.99 -12.76
CA MET C 7 -9.66 -16.92 -11.91
C MET C 7 -9.90 -18.22 -11.17
N GLU C 8 -9.73 -19.36 -11.84
CA GLU C 8 -9.89 -20.62 -11.13
C GLU C 8 -8.83 -20.81 -10.03
N THR C 9 -7.59 -20.43 -10.31
CA THR C 9 -6.56 -20.47 -9.28
C THR C 9 -6.97 -19.55 -8.09
N LEU C 10 -7.51 -18.36 -8.38
CA LEU C 10 -7.89 -17.44 -7.31
C LEU C 10 -9.05 -18.02 -6.52
N ASN C 11 -10.09 -18.45 -7.21
CA ASN C 11 -11.23 -19.10 -6.55
C ASN C 11 -10.90 -20.28 -5.65
N ASP C 12 -10.15 -21.23 -6.22
CA ASP C 12 -9.77 -22.45 -5.55
C ASP C 12 -8.98 -22.16 -4.31
N ASN C 13 -8.00 -21.26 -4.45
CA ASN C 13 -7.12 -21.03 -3.33
C ASN C 13 -7.82 -20.29 -2.19
N LEU C 14 -8.83 -19.52 -2.52
CA LEU C 14 -9.58 -18.76 -1.51
C LEU C 14 -10.32 -19.69 -0.52
N LYS C 15 -10.80 -20.81 -1.05
CA LYS C 15 -11.56 -21.83 -0.25
C LYS C 15 -10.63 -22.70 0.55
N VAL C 16 -9.45 -22.94 -0.02
CA VAL C 16 -8.38 -23.52 0.74
C VAL C 16 -8.09 -22.67 1.98
N ILE C 17 -8.00 -21.35 1.81
CA ILE C 17 -7.69 -20.49 2.93
C ILE C 17 -8.84 -20.57 3.93
N GLU C 18 -10.05 -20.51 3.44
CA GLU C 18 -11.25 -20.57 4.23
C GLU C 18 -11.24 -21.74 5.23
N LYS C 19 -10.87 -22.89 4.73
CA LYS C 19 -10.98 -24.14 5.44
C LYS C 19 -9.69 -24.57 6.08
N ALA C 20 -8.66 -23.73 5.98
CA ALA C 20 -7.35 -24.22 6.36
C ALA C 20 -7.29 -24.39 7.89
N ASP C 21 -6.47 -25.33 8.37
CA ASP C 21 -6.26 -25.53 9.84
C ASP C 21 -5.00 -24.83 10.41
N ASN C 22 -4.02 -24.58 9.54
CA ASN C 22 -2.69 -24.07 9.90
C ASN C 22 -2.17 -22.95 8.93
N ALA C 23 -1.19 -22.18 9.41
CA ALA C 23 -0.42 -21.16 8.65
C ALA C 23 0.21 -21.60 7.32
N ALA C 24 0.81 -22.80 7.29
CA ALA C 24 1.53 -23.23 6.10
C ALA C 24 0.54 -23.36 4.94
N GLN C 25 -0.65 -23.88 5.22
CA GLN C 25 -1.70 -24.04 4.19
C GLN C 25 -2.11 -22.68 3.62
N VAL C 26 -2.37 -21.72 4.48
CA VAL C 26 -2.73 -20.36 4.09
C VAL C 26 -1.57 -19.70 3.33
N LYS C 27 -0.35 -19.90 3.75
CA LYS C 27 0.76 -19.32 3.04
C LYS C 27 0.85 -19.84 1.63
N ASP C 28 0.82 -21.16 1.50
CA ASP C 28 0.85 -21.74 0.16
C ASP C 28 -0.28 -21.17 -0.72
N ALA C 29 -1.52 -21.07 -0.20
CA ALA C 29 -2.66 -20.64 -1.07
C ALA C 29 -2.50 -19.15 -1.55
N LEU C 30 -2.10 -18.30 -0.61
CA LEU C 30 -1.84 -16.85 -0.92
C LEU C 30 -0.73 -16.69 -1.98
N THR C 31 0.33 -17.49 -1.84
CA THR C 31 1.46 -17.50 -2.81
C THR C 31 0.91 -17.83 -4.20
N LYS C 32 0.13 -18.91 -4.29
CA LYS C 32 -0.49 -19.25 -5.60
C LYS C 32 -1.41 -18.14 -6.11
N MET C 33 -2.14 -17.47 -5.21
CA MET C 33 -3.04 -16.40 -5.63
C MET C 33 -2.26 -15.19 -6.11
N ALA C 34 -1.18 -14.88 -5.44
CA ALA C 34 -0.39 -13.74 -5.85
C ALA C 34 0.14 -14.01 -7.27
N ALA C 35 0.65 -15.23 -7.54
CA ALA C 35 1.12 -15.50 -8.94
C ALA C 35 0.01 -15.38 -9.96
N ALA C 36 -1.17 -15.89 -9.62
CA ALA C 36 -2.28 -15.77 -10.53
C ALA C 36 -2.77 -14.32 -10.76
N ALA C 37 -2.76 -13.50 -9.71
CA ALA C 37 -3.11 -12.08 -9.85
C ALA C 37 -2.09 -11.39 -10.77
N ALA C 38 -0.81 -11.64 -10.51
CA ALA C 38 0.23 -11.00 -11.34
C ALA C 38 0.16 -11.40 -12.80
N ASP C 39 -0.08 -12.70 -13.02
CA ASP C 39 -0.26 -13.23 -14.36
C ASP C 39 -1.49 -12.66 -15.06
N ALA C 40 -2.55 -12.41 -14.32
CA ALA C 40 -3.76 -11.80 -14.89
C ALA C 40 -3.54 -10.38 -15.40
N TRP C 41 -2.46 -9.76 -14.96
CA TRP C 41 -2.29 -8.31 -15.16
C TRP C 41 -2.58 -7.81 -16.55
N SER C 42 -2.14 -8.55 -17.55
CA SER C 42 -2.16 -8.03 -18.90
C SER C 42 -3.27 -8.68 -19.71
N ALA C 43 -4.16 -9.41 -19.05
CA ALA C 43 -5.29 -10.04 -19.75
C ALA C 43 -6.31 -9.00 -20.26
N THR C 44 -6.90 -9.24 -21.43
CA THR C 44 -8.04 -8.35 -21.84
C THR C 44 -9.33 -9.15 -21.64
N PRO C 45 -10.25 -8.62 -20.83
CA PRO C 45 -11.48 -9.36 -20.49
C PRO C 45 -12.49 -9.39 -21.63
N PRO C 46 -13.23 -10.48 -21.79
CA PRO C 46 -14.24 -10.59 -22.83
C PRO C 46 -15.09 -9.37 -22.97
N LYS C 47 -15.50 -8.72 -21.87
CA LYS C 47 -16.36 -7.56 -22.01
C LYS C 47 -15.64 -6.26 -22.38
N LEU C 48 -14.31 -6.24 -22.40
CA LEU C 48 -13.63 -5.01 -22.79
C LEU C 48 -12.92 -5.17 -24.13
N GLU C 49 -13.29 -6.21 -24.87
CA GLU C 49 -12.54 -6.55 -26.10
C GLU C 49 -12.66 -5.49 -27.18
N ASP C 50 -13.58 -4.54 -27.00
CA ASP C 50 -13.78 -3.43 -27.91
C ASP C 50 -13.10 -2.14 -27.45
N LYS C 51 -12.27 -2.30 -26.40
CA LYS C 51 -11.56 -1.16 -25.79
C LYS C 51 -10.08 -1.31 -25.96
N SER C 52 -9.36 -0.18 -26.05
CA SER C 52 -7.92 -0.24 -26.33
C SER C 52 -7.05 -0.47 -25.07
N PRO C 53 -5.82 -1.01 -25.23
CA PRO C 53 -5.03 -1.26 -24.01
C PRO C 53 -4.84 -0.01 -23.14
N ASP C 54 -4.68 1.15 -23.77
CA ASP C 54 -4.70 2.47 -23.06
C ASP C 54 -6.06 3.11 -23.33
N SER C 55 -7.01 2.81 -22.46
CA SER C 55 -8.29 3.47 -22.44
C SER C 55 -8.67 3.53 -20.97
N PRO C 56 -9.59 4.47 -20.61
CA PRO C 56 -10.02 4.53 -19.21
C PRO C 56 -10.46 3.20 -18.66
N GLU C 57 -11.19 2.43 -19.47
CA GLU C 57 -11.70 1.19 -19.04
C GLU C 57 -10.59 0.17 -18.73
N MET C 58 -9.57 0.05 -19.59
CA MET C 58 -8.54 -0.94 -19.33
C MET C 58 -7.69 -0.49 -18.15
N HIS C 59 -7.51 0.82 -17.99
CA HIS C 59 -6.77 1.34 -16.79
C HIS C 59 -7.50 1.02 -15.49
N ASP C 60 -8.82 1.26 -15.50
CA ASP C 60 -9.63 0.89 -14.33
C ASP C 60 -9.67 -0.60 -14.05
N PHE C 61 -9.72 -1.40 -15.12
CA PHE C 61 -9.68 -2.82 -14.97
C PHE C 61 -8.37 -3.33 -14.31
N ARG C 62 -7.22 -2.90 -14.86
CA ARG C 62 -5.96 -3.23 -14.25
C ARG C 62 -5.85 -2.67 -12.80
N HIS C 63 -6.36 -1.47 -12.56
CA HIS C 63 -6.32 -0.91 -11.16
C HIS C 63 -6.88 -1.86 -10.13
N GLY C 64 -7.97 -2.58 -10.48
CA GLY C 64 -8.49 -3.65 -9.63
C GLY C 64 -7.49 -4.72 -9.26
N PHE C 65 -6.59 -5.05 -10.17
CA PHE C 65 -5.57 -6.01 -9.81
C PHE C 65 -4.51 -5.43 -8.94
N TRP C 66 -4.16 -4.14 -9.12
CA TRP C 66 -3.22 -3.49 -8.16
C TRP C 66 -3.80 -3.64 -6.74
N ILE C 67 -5.08 -3.41 -6.61
CA ILE C 67 -5.71 -3.52 -5.28
C ILE C 67 -5.68 -4.97 -4.76
N LEU C 68 -6.09 -5.90 -5.61
CA LEU C 68 -6.02 -7.31 -5.23
C LEU C 68 -4.62 -7.74 -4.77
N ILE C 69 -3.59 -7.39 -5.54
CA ILE C 69 -2.26 -7.81 -5.30
C ILE C 69 -1.77 -7.25 -3.95
N GLY C 70 -2.07 -5.97 -3.71
CA GLY C 70 -1.81 -5.33 -2.40
C GLY C 70 -2.40 -6.06 -1.21
N GLN C 71 -3.65 -6.47 -1.36
CA GLN C 71 -4.33 -7.18 -0.28
C GLN C 71 -3.75 -8.57 -0.04
N ILE C 72 -3.31 -9.24 -1.11
CA ILE C 72 -2.73 -10.55 -0.99
C ILE C 72 -1.36 -10.42 -0.35
N HIS C 73 -0.56 -9.42 -0.78
CA HIS C 73 0.72 -9.09 -0.14
C HIS C 73 0.59 -9.02 1.40
N ASP C 74 -0.39 -8.23 1.85
CA ASP C 74 -0.48 -8.02 3.33
C ASP C 74 -0.98 -9.28 4.03
N ALA C 75 -1.90 -9.96 3.39
CA ALA C 75 -2.44 -11.17 3.97
C ALA C 75 -1.34 -12.21 4.19
N LEU C 76 -0.37 -12.26 3.26
CA LEU C 76 0.73 -13.19 3.39
C LEU C 76 1.59 -12.88 4.59
N HIS C 77 1.74 -11.58 4.93
CA HIS C 77 2.51 -11.20 6.10
C HIS C 77 1.80 -11.72 7.33
N LEU C 78 0.50 -11.56 7.38
CA LEU C 78 -0.26 -12.07 8.50
C LEU C 78 -0.08 -13.57 8.59
N ALA C 79 -0.07 -14.28 7.46
CA ALA C 79 0.09 -15.76 7.45
C ALA C 79 1.48 -16.13 7.92
N ASN C 80 2.48 -15.44 7.41
CA ASN C 80 3.86 -15.57 7.81
C ASN C 80 4.07 -15.42 9.35
N GLU C 81 3.33 -14.50 9.93
CA GLU C 81 3.38 -14.28 11.37
C GLU C 81 2.60 -15.37 12.08
N CYS C 82 2.12 -16.37 11.33
CA CYS C 82 1.17 -17.38 11.92
C CYS C 82 -0.09 -16.77 12.55
N LYS C 83 -0.58 -15.66 12.02
CA LYS C 83 -1.80 -15.07 12.50
C LYS C 83 -2.87 -15.61 11.53
N VAL C 84 -3.25 -16.86 11.74
CA VAL C 84 -4.09 -17.57 10.78
C VAL C 84 -5.52 -17.02 10.64
N LYS C 85 -6.16 -16.84 11.79
CA LYS C 85 -7.44 -16.14 11.85
C LYS C 85 -7.42 -14.74 11.18
N GLU C 86 -6.39 -13.94 11.43
CA GLU C 86 -6.32 -12.60 10.91
C GLU C 86 -6.10 -12.73 9.41
N ALA C 87 -5.29 -13.72 8.99
CA ALA C 87 -5.10 -14.03 7.53
C ALA C 87 -6.39 -14.45 6.80
N GLN C 88 -7.18 -15.30 7.42
CA GLN C 88 -8.45 -15.69 6.82
C GLN C 88 -9.40 -14.51 6.70
N ALA C 89 -9.43 -13.62 7.70
CA ALA C 89 -10.21 -12.37 7.59
C ALA C 89 -9.77 -11.41 6.46
N ALA C 90 -8.47 -11.20 6.32
CA ALA C 90 -7.99 -10.42 5.19
C ALA C 90 -8.47 -11.11 3.87
N ALA C 91 -8.42 -12.43 3.82
CA ALA C 91 -8.78 -13.14 2.58
C ALA C 91 -10.29 -13.00 2.31
N GLU C 92 -11.06 -12.92 3.39
CA GLU C 92 -12.46 -12.62 3.28
C GLU C 92 -12.67 -11.21 2.87
N GLN C 93 -11.90 -10.29 3.42
CA GLN C 93 -12.11 -8.88 3.17
C GLN C 93 -11.78 -8.58 1.69
N LEU C 94 -10.76 -9.24 1.15
CA LEU C 94 -10.38 -8.98 -0.26
C LEU C 94 -11.40 -9.53 -1.29
N LYS C 95 -12.30 -10.42 -0.85
CA LYS C 95 -13.40 -10.83 -1.73
C LYS C 95 -14.28 -9.66 -2.26
N THR C 96 -14.29 -8.54 -1.53
CA THR C 96 -14.99 -7.32 -1.94
C THR C 96 -14.32 -6.81 -3.25
N THR C 97 -13.02 -6.99 -3.33
CA THR C 97 -12.25 -6.57 -4.53
C THR C 97 -12.58 -7.49 -5.68
N CYS C 98 -12.54 -8.80 -5.47
CA CYS C 98 -12.97 -9.76 -6.51
C CYS C 98 -14.34 -9.36 -7.08
N ASN C 99 -15.29 -9.21 -6.17
CA ASN C 99 -16.67 -8.99 -6.58
C ASN C 99 -16.82 -7.65 -7.21
N ALA C 100 -16.10 -6.62 -6.72
CA ALA C 100 -16.23 -5.28 -7.31
C ALA C 100 -15.84 -5.30 -8.83
N CYS C 101 -14.79 -6.02 -9.12
CA CYS C 101 -14.33 -6.07 -10.51
C CYS C 101 -15.39 -6.82 -11.32
N HIS C 102 -15.84 -7.96 -10.79
CA HIS C 102 -16.83 -8.75 -11.48
C HIS C 102 -18.08 -8.00 -11.84
N GLN C 103 -18.60 -7.22 -10.91
CA GLN C 103 -19.84 -6.49 -11.16
C GLN C 103 -19.73 -5.53 -12.32
N LYS C 104 -18.56 -4.92 -12.47
CA LYS C 104 -18.35 -3.94 -13.51
C LYS C 104 -17.91 -4.64 -14.81
N TYR C 105 -17.13 -5.72 -14.74
CA TYR C 105 -16.42 -6.21 -15.93
C TYR C 105 -16.63 -7.67 -16.34
N ARG C 106 -17.29 -8.50 -15.51
CA ARG C 106 -17.48 -9.90 -15.80
C ARG C 106 -18.78 -10.10 -16.57
N ALA D 1 -8.24 14.80 18.67
CA ALA D 1 -9.64 14.42 19.06
C ALA D 1 -9.74 12.99 19.65
N ASP D 2 -10.80 12.72 20.42
CA ASP D 2 -10.88 11.38 21.05
C ASP D 2 -11.45 10.33 20.04
N LEU D 3 -11.45 9.04 20.41
CA LEU D 3 -11.80 8.02 19.43
C LEU D 3 -13.24 8.19 18.94
N GLU D 4 -14.16 8.44 19.89
CA GLU D 4 -15.56 8.61 19.47
C GLU D 4 -15.81 9.73 18.48
N ASP D 5 -15.17 10.89 18.69
CA ASP D 5 -15.35 12.01 17.79
C ASP D 5 -14.73 11.68 16.44
N ASN D 6 -13.61 10.97 16.39
CA ASN D 6 -13.06 10.68 15.05
C ASN D 6 -13.96 9.72 14.33
N MET D 7 -14.61 8.82 15.08
CA MET D 7 -15.51 7.85 14.46
C MET D 7 -16.75 8.55 13.88
N GLU D 8 -17.26 9.54 14.62
CA GLU D 8 -18.32 10.43 14.04
C GLU D 8 -17.91 11.06 12.71
N THR D 9 -16.69 11.65 12.66
CA THR D 9 -16.18 12.26 11.46
C THR D 9 -16.10 11.24 10.33
N LEU D 10 -15.61 10.03 10.63
CA LEU D 10 -15.55 8.94 9.63
C LEU D 10 -16.95 8.64 9.06
N ASN D 11 -17.90 8.51 9.99
CA ASN D 11 -19.25 8.10 9.60
C ASN D 11 -20.03 9.19 8.84
N ASP D 12 -19.84 10.44 9.24
CA ASP D 12 -20.49 11.60 8.60
C ASP D 12 -19.93 11.78 7.18
N ASN D 13 -18.63 11.58 7.03
CA ASN D 13 -18.04 11.82 5.76
C ASN D 13 -18.34 10.76 4.73
N LEU D 14 -18.51 9.54 5.23
CA LEU D 14 -18.92 8.45 4.36
C LEU D 14 -20.26 8.81 3.69
N LYS D 15 -21.18 9.32 4.52
CA LYS D 15 -22.53 9.61 4.05
C LYS D 15 -22.49 10.82 3.10
N VAL D 16 -21.58 11.78 3.34
CA VAL D 16 -21.38 12.88 2.41
C VAL D 16 -20.86 12.34 1.06
N ILE D 17 -19.99 11.34 1.12
CA ILE D 17 -19.45 10.77 -0.11
C ILE D 17 -20.59 10.07 -0.91
N GLU D 18 -21.44 9.34 -0.22
CA GLU D 18 -22.62 8.74 -0.83
C GLU D 18 -23.42 9.67 -1.71
N LYS D 19 -23.71 10.83 -1.15
CA LYS D 19 -24.70 11.82 -1.69
C LYS D 19 -24.08 12.86 -2.58
N ALA D 20 -22.75 12.86 -2.69
CA ALA D 20 -22.07 13.95 -3.38
C ALA D 20 -22.48 14.11 -4.86
N ASP D 21 -22.53 15.38 -5.31
CA ASP D 21 -22.86 15.73 -6.69
C ASP D 21 -21.63 15.79 -7.56
N ASN D 22 -20.49 16.20 -6.98
CA ASN D 22 -19.24 16.41 -7.74
C ASN D 22 -17.97 15.83 -7.06
N ALA D 23 -16.85 15.85 -7.80
CA ALA D 23 -15.56 15.45 -7.29
C ALA D 23 -15.08 16.31 -6.14
N ALA D 24 -15.26 17.63 -6.20
CA ALA D 24 -14.84 18.49 -5.09
C ALA D 24 -15.40 17.98 -3.76
N GLN D 25 -16.65 17.55 -3.74
CA GLN D 25 -17.30 17.13 -2.50
C GLN D 25 -16.73 15.82 -2.00
N VAL D 26 -16.32 14.94 -2.91
CA VAL D 26 -15.77 13.67 -2.48
C VAL D 26 -14.33 13.86 -1.96
N LYS D 27 -13.51 14.64 -2.70
CA LYS D 27 -12.13 14.99 -2.26
C LYS D 27 -12.09 15.56 -0.83
N ASP D 28 -12.95 16.54 -0.58
CA ASP D 28 -13.01 17.19 0.72
C ASP D 28 -13.43 16.21 1.80
N ALA D 29 -14.43 15.39 1.54
CA ALA D 29 -14.84 14.47 2.57
C ALA D 29 -13.73 13.44 2.88
N LEU D 30 -13.06 13.00 1.84
CA LEU D 30 -12.05 11.93 2.03
C LEU D 30 -10.85 12.51 2.77
N THR D 31 -10.60 13.81 2.59
CA THR D 31 -9.48 14.50 3.25
C THR D 31 -9.74 14.48 4.74
N LYS D 32 -10.97 14.84 5.10
CA LYS D 32 -11.43 14.82 6.49
C LYS D 32 -11.36 13.43 7.12
N MET D 33 -11.74 12.41 6.36
CA MET D 33 -11.68 11.02 6.88
C MET D 33 -10.21 10.60 7.08
N ALA D 34 -9.32 10.96 6.15
CA ALA D 34 -7.84 10.66 6.33
C ALA D 34 -7.33 11.22 7.67
N ALA D 35 -7.67 12.48 7.96
CA ALA D 35 -7.26 13.09 9.18
C ALA D 35 -7.84 12.44 10.39
N ALA D 36 -9.14 12.14 10.32
CA ALA D 36 -9.76 11.46 11.47
C ALA D 36 -9.11 10.06 11.72
N ALA D 37 -8.75 9.37 10.61
CA ALA D 37 -8.24 7.97 10.81
C ALA D 37 -6.80 8.07 11.37
N ALA D 38 -6.00 9.01 10.84
CA ALA D 38 -4.66 9.25 11.42
C ALA D 38 -4.69 9.69 12.90
N ASP D 39 -5.70 10.49 13.28
CA ASP D 39 -5.78 10.95 14.67
C ASP D 39 -6.22 9.83 15.65
N ALA D 40 -6.83 8.78 15.10
CA ALA D 40 -7.42 7.69 15.84
C ALA D 40 -6.33 6.68 16.08
N TRP D 41 -5.17 6.84 15.40
CA TRP D 41 -4.16 5.80 15.46
C TRP D 41 -3.85 5.30 16.88
N SER D 42 -3.62 6.20 17.81
CA SER D 42 -3.09 6.01 19.12
CA SER D 42 -3.02 5.85 19.09
C SER D 42 -4.09 5.55 20.18
N ALA D 43 -5.34 5.74 19.81
CA ALA D 43 -6.47 5.56 20.75
C ALA D 43 -6.53 4.15 21.29
N THR D 44 -6.85 4.03 22.59
CA THR D 44 -7.06 2.72 23.19
C THR D 44 -8.56 2.57 23.29
N PRO D 45 -9.14 1.57 22.59
CA PRO D 45 -10.59 1.43 22.62
C PRO D 45 -11.03 0.91 23.98
N PRO D 46 -12.27 1.22 24.39
CA PRO D 46 -12.69 0.71 25.71
C PRO D 46 -12.52 -0.80 25.91
N LYS D 47 -12.90 -1.60 24.92
CA LYS D 47 -12.81 -3.07 25.04
C LYS D 47 -11.40 -3.54 25.22
N LEU D 48 -10.41 -2.70 24.94
CA LEU D 48 -8.99 -3.15 25.11
C LEU D 48 -8.17 -2.37 26.17
N GLU D 49 -8.84 -1.56 27.00
CA GLU D 49 -8.11 -0.81 28.06
C GLU D 49 -7.26 -1.70 28.98
N ASP D 50 -7.77 -2.90 29.28
CA ASP D 50 -7.14 -3.86 30.18
C ASP D 50 -6.12 -4.69 29.50
N LYS D 51 -5.88 -4.41 28.22
CA LYS D 51 -4.82 -5.08 27.49
C LYS D 51 -3.53 -4.24 27.45
N SER D 52 -2.42 -4.91 27.26
CA SER D 52 -1.14 -4.22 27.22
C SER D 52 -1.10 -3.39 25.93
N PRO D 53 -0.37 -2.26 25.92
CA PRO D 53 -0.25 -1.50 24.66
C PRO D 53 0.40 -2.32 23.56
N ASP D 54 1.13 -3.38 23.94
CA ASP D 54 1.76 -4.25 22.94
C ASP D 54 1.21 -5.64 22.90
N SER D 55 -0.03 -5.75 23.38
CA SER D 55 -0.76 -6.98 23.23
C SER D 55 -1.05 -7.23 21.75
N PRO D 56 -1.34 -8.50 21.38
CA PRO D 56 -1.80 -8.84 20.04
C PRO D 56 -3.04 -8.07 19.59
N GLU D 57 -3.95 -7.82 20.52
CA GLU D 57 -5.16 -7.08 20.25
C GLU D 57 -4.89 -5.66 19.79
N MET D 58 -4.03 -4.97 20.54
CA MET D 58 -3.65 -3.60 20.25
C MET D 58 -2.87 -3.54 18.94
N HIS D 59 -1.98 -4.51 18.69
CA HIS D 59 -1.26 -4.57 17.38
C HIS D 59 -2.29 -4.73 16.27
N ASP D 60 -3.28 -5.58 16.52
CA ASP D 60 -4.35 -5.84 15.52
C ASP D 60 -5.26 -4.64 15.30
N PHE D 61 -5.58 -3.98 16.42
CA PHE D 61 -6.38 -2.76 16.38
C PHE D 61 -5.67 -1.73 15.56
N ARG D 62 -4.40 -1.48 15.88
CA ARG D 62 -3.67 -0.49 15.09
C ARG D 62 -3.57 -0.93 13.61
N HIS D 63 -3.40 -2.22 13.38
CA HIS D 63 -3.33 -2.67 12.00
C HIS D 63 -4.54 -2.28 11.16
N GLY D 64 -5.74 -2.40 11.72
CA GLY D 64 -6.94 -2.01 11.02
C GLY D 64 -6.86 -0.55 10.59
N PHE D 65 -6.29 0.34 11.41
CA PHE D 65 -6.18 1.70 10.95
C PHE D 65 -5.18 1.81 9.80
N TRP D 66 -4.12 1.03 9.81
CA TRP D 66 -3.20 1.07 8.60
C TRP D 66 -3.97 0.76 7.34
N ILE D 67 -4.83 -0.26 7.40
CA ILE D 67 -5.60 -0.74 6.24
C ILE D 67 -6.54 0.39 5.85
N LEU D 68 -7.24 0.95 6.82
CA LEU D 68 -8.20 2.07 6.53
C LEU D 68 -7.53 3.29 5.90
N ILE D 69 -6.42 3.71 6.48
CA ILE D 69 -5.67 4.90 5.97
C ILE D 69 -5.21 4.68 4.50
N GLY D 70 -4.70 3.50 4.21
CA GLY D 70 -4.23 3.19 2.84
C GLY D 70 -5.42 3.23 1.89
N GLN D 71 -6.57 2.73 2.30
CA GLN D 71 -7.75 2.76 1.44
C GLN D 71 -8.32 4.14 1.17
N ILE D 72 -8.32 5.00 2.21
CA ILE D 72 -8.74 6.42 2.04
C ILE D 72 -7.78 7.14 1.08
N HIS D 73 -6.48 6.93 1.26
CA HIS D 73 -5.42 7.47 0.37
C HIS D 73 -5.71 7.12 -1.07
N ASP D 74 -6.03 5.85 -1.34
CA ASP D 74 -6.23 5.46 -2.75
C ASP D 74 -7.47 6.06 -3.34
N ALA D 75 -8.55 6.08 -2.55
CA ALA D 75 -9.80 6.70 -2.98
C ALA D 75 -9.62 8.18 -3.24
N LEU D 76 -8.76 8.83 -2.46
CA LEU D 76 -8.56 10.26 -2.67
C LEU D 76 -7.92 10.52 -4.03
N HIS D 77 -7.00 9.65 -4.45
CA HIS D 77 -6.39 9.77 -5.79
C HIS D 77 -7.46 9.65 -6.87
N LEU D 78 -8.38 8.69 -6.71
CA LEU D 78 -9.48 8.56 -7.66
C LEU D 78 -10.34 9.81 -7.70
N ALA D 79 -10.72 10.30 -6.51
CA ALA D 79 -11.40 11.60 -6.43
C ALA D 79 -10.59 12.72 -7.07
N ASN D 80 -9.28 12.81 -6.80
CA ASN D 80 -8.54 13.85 -7.50
C ASN D 80 -8.44 13.70 -9.03
N GLU D 81 -8.52 12.48 -9.56
CA GLU D 81 -8.55 12.26 -11.02
C GLU D 81 -9.98 12.47 -11.60
N CYS D 82 -10.89 12.98 -10.79
CA CYS D 82 -12.34 13.18 -11.14
C CYS D 82 -13.10 11.91 -11.46
N LYS D 83 -12.58 10.79 -11.01
CA LYS D 83 -13.24 9.50 -11.16
C LYS D 83 -14.25 9.36 -10.02
N VAL D 84 -15.32 10.13 -10.08
CA VAL D 84 -16.19 10.20 -8.90
C VAL D 84 -16.97 8.94 -8.59
N LYS D 85 -17.60 8.25 -9.58
CA LYS D 85 -18.21 6.96 -9.28
C LYS D 85 -17.17 5.96 -8.75
N GLU D 86 -15.96 5.94 -9.32
CA GLU D 86 -14.95 4.96 -8.83
C GLU D 86 -14.50 5.31 -7.37
N ALA D 87 -14.43 6.63 -7.05
CA ALA D 87 -14.05 7.06 -5.69
C ALA D 87 -15.20 6.74 -4.74
N GLN D 88 -16.43 6.97 -5.16
CA GLN D 88 -17.59 6.60 -4.35
C GLN D 88 -17.70 5.11 -4.09
N ALA D 89 -17.39 4.32 -5.13
CA ALA D 89 -17.31 2.87 -5.01
C ALA D 89 -16.24 2.46 -4.00
N ALA D 90 -15.03 2.99 -4.13
CA ALA D 90 -13.96 2.74 -3.18
C ALA D 90 -14.37 3.15 -1.73
N ALA D 91 -15.06 4.27 -1.58
CA ALA D 91 -15.45 4.74 -0.25
C ALA D 91 -16.48 3.82 0.38
N GLU D 92 -17.49 3.44 -0.38
CA GLU D 92 -18.55 2.65 0.21
C GLU D 92 -17.98 1.24 0.50
N GLN D 93 -16.95 0.81 -0.26
CA GLN D 93 -16.20 -0.42 0.07
C GLN D 93 -15.40 -0.39 1.39
N LEU D 94 -15.20 0.82 1.96
CA LEU D 94 -14.35 0.97 3.17
C LEU D 94 -15.00 0.25 4.28
N LYS D 95 -16.30 0.04 4.14
CA LYS D 95 -17.13 -0.49 5.20
C LYS D 95 -16.72 -1.91 5.54
N THR D 96 -16.08 -2.61 4.59
CA THR D 96 -15.50 -3.90 4.89
C THR D 96 -14.49 -3.69 6.06
N THR D 97 -13.66 -2.66 5.99
CA THR D 97 -12.65 -2.41 7.01
C THR D 97 -13.26 -1.90 8.33
N CYS D 98 -14.23 -1.00 8.22
CA CYS D 98 -14.94 -0.39 9.37
C CYS D 98 -15.60 -1.51 10.15
N ASN D 99 -16.37 -2.33 9.45
CA ASN D 99 -17.15 -3.39 10.06
C ASN D 99 -16.26 -4.46 10.69
N ALA D 100 -15.14 -4.77 10.05
CA ALA D 100 -14.32 -5.87 10.58
C ALA D 100 -13.76 -5.44 11.93
N CYS D 101 -13.33 -4.18 11.99
CA CYS D 101 -12.81 -3.72 13.25
C CYS D 101 -13.92 -3.66 14.33
N HIS D 102 -15.11 -3.19 13.96
CA HIS D 102 -16.15 -3.03 14.96
C HIS D 102 -16.56 -4.37 15.49
N GLN D 103 -16.54 -5.37 14.61
CA GLN D 103 -16.91 -6.73 15.00
C GLN D 103 -16.04 -7.26 16.14
N LYS D 104 -14.74 -6.98 16.11
CA LYS D 104 -13.85 -7.48 17.15
C LYS D 104 -13.66 -6.58 18.37
N TYR D 105 -13.73 -5.26 18.18
CA TYR D 105 -13.23 -4.34 19.23
C TYR D 105 -14.22 -3.27 19.67
N ARG D 106 -15.34 -3.10 18.98
CA ARG D 106 -16.31 -2.07 19.37
C ARG D 106 -17.40 -2.61 20.30
CHA HEM E . 12.16 18.15 10.87
CHB HEM E . 13.67 13.56 11.09
CHC HEM E . 10.21 12.38 7.85
CHD HEM E . 8.77 17.00 7.49
C1A HEM E . 12.85 17.03 11.21
C2A HEM E . 13.93 16.97 12.18
C3A HEM E . 14.33 15.71 12.24
C4A HEM E . 13.56 14.93 11.28
CMA HEM E . 15.48 15.08 13.12
CAA HEM E . 14.45 18.18 13.04
CBA HEM E . 13.39 18.47 14.12
CGA HEM E . 13.84 19.60 15.02
O1A HEM E . 14.48 19.32 16.08
O2A HEM E . 13.57 20.80 14.74
C1B HEM E . 12.83 12.86 10.26
C2B HEM E . 12.91 11.43 10.00
C3B HEM E . 11.97 11.10 9.08
C4B HEM E . 11.26 12.31 8.73
CMB HEM E . 13.97 10.51 10.65
CAB HEM E . 11.61 9.68 8.49
CBB HEM E . 11.62 8.59 9.32
C1C HEM E . 9.51 13.55 7.49
C2C HEM E . 8.46 13.59 6.54
C3C HEM E . 8.04 14.87 6.41
C4C HEM E . 8.87 15.66 7.29
CMC HEM E . 8.01 12.31 5.82
CAC HEM E . 6.90 15.43 5.48
CBC HEM E . 5.99 14.55 4.94
C1D HEM E . 9.58 17.71 8.35
C2D HEM E . 9.51 19.19 8.49
C3D HEM E . 10.52 19.53 9.56
C4D HEM E . 11.16 18.26 9.94
CMD HEM E . 8.59 20.16 7.73
CAD HEM E . 10.82 20.96 10.08
CBD HEM E . 9.93 21.06 11.33
CGD HEM E . 10.17 22.45 11.93
O1D HEM E . 9.29 23.03 12.60
O2D HEM E . 11.28 22.99 11.73
NA HEM E . 12.63 15.72 10.68
NB HEM E . 11.84 13.37 9.43
NC HEM E . 9.74 14.83 7.98
ND HEM E . 10.56 17.21 9.22
FE HEM E . 11.21 15.31 9.36
OAA ME9 F . 10.43 -15.58 13.56
OAB ME9 F . 8.48 -15.63 17.48
OAC ME9 F . 4.50 -18.03 14.77
OAD ME9 F . 6.93 -20.88 12.36
CAE ME9 F . 9.92 -13.85 14.98
CAF ME9 F . 9.29 -13.86 16.19
CAG ME9 F . 4.53 -18.49 12.53
CAH ME9 F . 5.30 -19.33 11.80
CAI ME9 F . 7.96 -17.99 15.59
CAJ ME9 F . 7.93 -19.51 15.30
CAK ME9 F . 9.39 -17.44 15.31
CAL ME9 F . 6.52 -20.05 15.16
CAM ME9 F . 9.96 -15.13 14.59
CAN ME9 F . 9.03 -15.18 16.48
CAO ME9 F . 4.93 -18.64 13.80
CAP ME9 F . 6.10 -20.01 12.66
NAQ ME9 F . 9.45 -15.95 15.49
NAR ME9 F . 5.87 -19.60 13.91
ZN ZN G . -0.32 -5.28 7.28
C1 BTB H . 8.75 22.32 20.21
O1 BTB H . 7.53 22.30 20.57
C2 BTB H . 9.12 21.45 21.32
C3 BTB H . 8.07 20.52 21.89
O3 BTB H . 6.95 21.11 22.43
C4 BTB H . 10.07 20.54 20.62
O4 BTB H . 10.46 19.77 21.74
N BTB H . 9.70 22.27 22.41
C5 BTB H . 9.88 23.65 22.07
C6 BTB H . 10.45 23.80 20.70
O6 BTB H . 9.37 24.28 19.91
C7 BTB H . 8.62 22.39 23.34
C8 BTB H . 7.67 23.49 22.88
O8 BTB H . 6.38 23.07 22.44
CHA HEM I . 18.82 -7.12 -13.53
CHB HEM I . 17.01 -2.63 -13.64
CHC HEM I . 13.98 -3.74 -9.95
CHD HEM I . 15.97 -8.18 -9.76
C1A HEM I . 18.57 -5.81 -13.88
C2A HEM I . 19.26 -5.08 -14.89
C3A HEM I . 18.71 -3.84 -14.91
C4A HEM I . 17.74 -3.75 -13.87
CMA HEM I . 19.10 -2.67 -15.82
CAA HEM I . 20.39 -5.60 -15.85
CBA HEM I . 19.77 -6.36 -17.02
CGA HEM I . 20.87 -7.21 -17.57
O1A HEM I . 21.74 -6.66 -18.30
O2A HEM I . 20.94 -8.43 -17.26
C1B HEM I . 16.04 -2.58 -12.67
C2B HEM I . 15.26 -1.43 -12.35
C3B HEM I . 14.46 -1.77 -11.31
C4B HEM I . 14.70 -3.11 -10.95
CMB HEM I . 15.31 -0.01 -12.99
CAB HEM I . 13.39 -0.91 -10.60
CBB HEM I . 12.51 -0.06 -11.24
C1C HEM I . 14.25 -5.04 -9.54
C2C HEM I . 13.66 -5.76 -8.45
C3C HEM I . 14.24 -7.01 -8.40
C4C HEM I . 15.20 -7.06 -9.50
CMC HEM I . 12.60 -5.13 -7.53
CAC HEM I . 13.95 -8.17 -7.45
CBC HEM I . 12.76 -8.23 -6.73
C1D HEM I . 16.92 -8.32 -10.75
C2D HEM I . 17.67 -9.54 -11.03
C3D HEM I . 18.54 -9.18 -12.21
C4D HEM I . 18.23 -7.79 -12.52
CMD HEM I . 17.66 -10.92 -10.31
CAD HEM I . 19.57 -10.07 -12.93
CBD HEM I . 18.71 -10.86 -13.93
CGD HEM I . 19.45 -11.41 -15.13
O1D HEM I . 18.98 -12.39 -15.72
O2D HEM I . 20.48 -10.83 -15.54
NA HEM I . 17.68 -4.98 -13.27
NB HEM I . 15.69 -3.63 -11.80
NC HEM I . 15.19 -5.86 -10.12
ND HEM I . 17.23 -7.31 -11.65
FE HEM I . 16.46 -5.44 -11.72
OAA ME9 J . -10.23 15.78 -13.81
OAB ME9 J . -9.36 19.64 -11.67
OAC ME9 J . -5.83 16.07 -17.94
OAD ME9 J . -4.41 18.18 -14.24
CAE ME9 J . -10.45 16.47 -11.64
CAF ME9 J . -10.18 17.62 -11.01
CAG ME9 J . -4.31 15.54 -16.33
CAH ME9 J . -3.87 16.17 -15.23
CAI ME9 J . -8.07 17.66 -14.94
CAJ ME9 J . -7.71 18.19 -16.34
CAK ME9 J . -9.24 18.46 -14.35
CAL ME9 J . -6.24 18.62 -16.41
CAM ME9 J . -10.14 16.63 -12.93
CAN ME9 J . -9.71 18.48 -11.91
CAO ME9 J . -5.22 16.33 -16.90
CAP ME9 J . -4.54 17.33 -15.13
NAQ ME9 J . -9.69 17.88 -13.09
NAR ME9 J . -5.35 17.45 -16.17
ZN ZN K . -4.98 3.19 -6.82
C1 BTB L . 24.41 -4.02 -22.54
O1 BTB L . 25.64 -3.48 -22.06
C2 BTB L . 23.26 -3.92 -21.55
C3 BTB L . 22.18 -4.89 -22.03
O3 BTB L . 22.33 -6.13 -21.46
C4 BTB L . 23.70 -4.13 -20.17
O4 BTB L . 23.70 -5.46 -19.79
N BTB L . 22.69 -2.58 -21.63
C5 BTB L . 21.51 -2.74 -22.48
C6 BTB L . 20.53 -1.61 -22.35
O6 BTB L . 21.02 -0.49 -23.05
C7 BTB L . 22.39 -1.85 -20.38
C8 BTB L . 21.72 -2.48 -19.14
O8 BTB L . 21.73 -3.91 -19.01
ZN ZN M . 5.65 -6.61 2.59
CHA HEM N . -14.17 -14.50 -13.72
CHB HEM N . -12.95 -15.64 -9.17
CHC HEM N . -10.77 -11.32 -8.77
CHD HEM N . -12.16 -10.10 -13.25
C1A HEM N . -14.04 -15.19 -12.55
C2A HEM N . -14.44 -16.57 -12.33
C3A HEM N . -14.12 -16.89 -11.06
C4A HEM N . -13.46 -15.74 -10.45
CMA HEM N . -14.42 -18.25 -10.35
CAA HEM N . -15.19 -17.43 -13.39
CBA HEM N . -14.19 -18.19 -14.31
CGA HEM N . -14.94 -18.86 -15.45
O1A HEM N . -14.28 -19.33 -16.42
O2A HEM N . -16.21 -18.92 -15.43
C1B HEM N . -12.25 -14.59 -8.65
C2B HEM N . -11.69 -14.48 -7.32
C3B HEM N . -11.10 -13.28 -7.20
C4B HEM N . -11.26 -12.58 -8.46
CMB HEM N . -11.82 -15.54 -6.23
CAB HEM N . -10.41 -12.71 -5.93
CBB HEM N . -9.59 -13.41 -5.13
C1C HEM N . -10.99 -10.59 -9.91
C2C HEM N . -10.55 -9.24 -10.12
C3C HEM N . -10.90 -8.92 -11.36
C4C HEM N . -11.60 -10.05 -11.97
CMC HEM N . -9.84 -8.40 -9.03
CAC HEM N . -10.74 -7.58 -12.09
CBC HEM N . -9.73 -6.70 -11.74
C1D HEM N . -12.83 -11.15 -13.81
C2D HEM N . -13.35 -11.22 -15.17
C3D HEM N . -13.96 -12.59 -15.30
C4D HEM N . -13.74 -13.23 -14.02
CMD HEM N . -13.31 -10.11 -16.24
CAD HEM N . -14.63 -13.17 -16.56
CBD HEM N . -13.51 -13.87 -17.33
CGD HEM N . -14.05 -14.71 -18.53
O1D HEM N . -13.26 -15.08 -19.40
O2D HEM N . -15.26 -14.98 -18.65
NA HEM N . -13.43 -14.73 -11.41
NB HEM N . -11.97 -13.38 -9.30
NC HEM N . -11.60 -11.01 -11.05
ND HEM N . -13.08 -12.34 -13.16
FE HEM N . -12.51 -12.87 -11.22
ZN ZN O . -0.52 8.31 -3.18
CHA HEM P . -17.06 3.41 16.98
CHB HEM P . -17.95 4.53 12.32
CHC HEM P . -13.66 2.38 11.29
CHD HEM P . -12.97 1.04 15.84
C1A HEM P . -17.62 3.89 15.83
C2A HEM P . -18.91 4.53 15.82
C3A HEM P . -19.15 4.84 14.52
C4A HEM P . -18.04 4.42 13.67
CMA HEM P . -20.39 5.52 13.95
CAA HEM P . -19.78 4.79 17.11
CBA HEM P . -20.07 6.29 17.17
CGA HEM P . -20.08 7.01 18.52
O1A HEM P . -20.18 8.29 18.49
O2A HEM P . -20.00 6.36 19.61
C1B HEM P . -16.82 4.03 11.64
C2B HEM P . -16.56 4.11 10.23
C3B HEM P . -15.36 3.56 9.93
C4B HEM P . -14.85 3.06 11.20
CMB HEM P . -17.53 4.80 9.27
CAB HEM P . -14.67 3.41 8.51
CBB HEM P . -14.93 4.27 7.49
C1C HEM P . -13.12 1.85 12.37
C2C HEM P . -11.90 1.14 12.40
C3C HEM P . -11.71 0.75 13.69
C4C HEM P . -12.81 1.25 14.50
CMC HEM P . -10.96 0.83 11.20
CAC HEM P . -10.51 -0.03 14.27
CBC HEM P . -9.35 -0.22 13.55
C1D HEM P . -14.02 1.57 16.53
C2D HEM P . -14.20 1.40 17.96
C3D HEM P . -15.47 2.14 18.29
C4D HEM P . -15.92 2.68 17.07
CMD HEM P . -13.30 0.63 18.90
CAD HEM P . -16.16 2.29 19.70
CBD HEM P . -15.62 3.59 20.26
CGD HEM P . -16.04 3.71 21.73
O1D HEM P . -15.42 4.46 22.48
O2D HEM P . -16.98 3.02 22.15
NA HEM P . -17.14 3.80 14.51
NB HEM P . -15.76 3.34 12.21
NC HEM P . -13.68 1.90 13.67
ND HEM P . -15.05 2.32 15.99
FE HEM P . -15.43 2.87 14.07
#